data_3NF5
#
_entry.id   3NF5
#
_cell.length_a   48.703
_cell.length_b   67.668
_cell.length_c   55.119
_cell.angle_alpha   90.000
_cell.angle_beta   101.370
_cell.angle_gamma   90.000
#
_symmetry.space_group_name_H-M   'P 1 21 1'
#
loop_
_entity.id
_entity.type
_entity.pdbx_description
1 polymer 'Nucleoporin NUP116'
2 non-polymer GLYCEROL
3 water water
#
_entity_poly.entity_id   1
_entity_poly.type   'polypeptide(L)'
_entity_poly.pdbx_seq_one_letter_code
;(MSE)SLDGIDDLEFVDENYYISPSLDTLATLSKYEIQKVENLVVGNKQYGKIEFLDPVDLSDIPLGSICDDLVVFQP
(MSE)SVLLYNNSTNVPEKGKGLNVRARISCYNCYPLDKSTRKPIKDPNHRI(MSE)ERYSEKLKKIPHTHFESYDPASG
TYCFTVDHALEGHHHHHH
;
_entity_poly.pdbx_strand_id   A,B
#
loop_
_chem_comp.id
_chem_comp.type
_chem_comp.name
_chem_comp.formula
GOL non-polymer GLYCEROL 'C3 H8 O3'
#
# COMPACT_ATOMS: atom_id res chain seq x y z
N SER A 2 9.48 22.43 12.92
CA SER A 2 9.92 22.34 14.33
C SER A 2 11.42 22.58 14.39
N LEU A 3 11.85 23.05 15.56
CA LEU A 3 13.28 23.23 15.86
C LEU A 3 14.01 24.10 14.85
N ASP A 4 13.32 25.13 14.42
CA ASP A 4 13.91 26.14 13.61
C ASP A 4 14.83 27.06 14.44
N GLY A 5 14.61 27.14 15.76
CA GLY A 5 15.34 28.12 16.59
C GLY A 5 15.17 27.79 18.06
N ILE A 6 16.01 28.40 18.90
CA ILE A 6 15.99 28.13 20.33
C ILE A 6 14.81 28.82 21.03
N ASP A 7 14.09 29.68 20.32
CA ASP A 7 12.82 30.26 20.82
C ASP A 7 11.65 29.26 20.93
N ASP A 8 11.79 28.09 20.32
CA ASP A 8 10.72 27.07 20.33
C ASP A 8 11.31 25.68 20.08
N LEU A 9 11.44 24.95 21.16
CA LEU A 9 12.14 23.68 21.19
C LEU A 9 11.10 22.51 21.24
N GLU A 10 9.82 22.84 21.05
CA GLU A 10 8.76 21.83 20.84
C GLU A 10 8.99 20.98 19.59
N PHE A 11 8.90 19.68 19.80
CA PHE A 11 9.07 18.69 18.71
C PHE A 11 7.97 17.60 18.83
N VAL A 12 7.36 17.27 17.71
CA VAL A 12 6.51 16.09 17.68
C VAL A 12 7.04 15.13 16.63
N ASP A 13 6.73 13.86 16.80
CA ASP A 13 7.08 12.86 15.82
C ASP A 13 6.68 13.30 14.41
N GLU A 14 7.64 13.16 13.52
CA GLU A 14 7.41 13.27 12.10
C GLU A 14 7.25 11.80 11.64
N ASN A 15 6.83 11.61 10.43
CA ASN A 15 6.89 10.27 9.86
C ASN A 15 5.72 9.30 10.22
N TYR A 16 5.37 9.09 11.49
CA TYR A 16 4.28 8.11 11.80
C TYR A 16 2.92 8.71 11.58
N TYR A 17 2.00 7.86 11.20
CA TYR A 17 0.63 8.23 11.07
C TYR A 17 -0.22 6.99 11.33
N ILE A 18 -1.47 7.24 11.70
CA ILE A 18 -2.45 6.18 11.96
C ILE A 18 -3.82 6.63 11.41
N SER A 19 -4.54 5.68 10.80
CA SER A 19 -5.92 5.88 10.20
C SER A 19 -6.78 4.68 10.57
N PRO A 20 -7.96 4.90 11.17
CA PRO A 20 -8.47 6.17 11.70
C PRO A 20 -7.51 6.90 12.68
N SER A 21 -7.68 8.22 12.77
CA SER A 21 -6.95 9.03 13.71
C SER A 21 -7.08 8.55 15.14
N LEU A 22 -6.05 8.81 15.94
CA LEU A 22 -6.14 8.56 17.38
C LEU A 22 -7.39 9.20 18.06
N ASP A 23 -7.75 10.39 17.64
CA ASP A 23 -8.93 11.09 18.16
C ASP A 23 -10.22 10.32 17.79
N THR A 24 -10.31 9.84 16.55
CA THR A 24 -11.46 9.02 16.16
C THR A 24 -11.58 7.73 16.98
N LEU A 25 -10.44 7.02 17.13
CA LEU A 25 -10.38 5.73 17.83
C LEU A 25 -10.70 5.87 19.33
N ALA A 26 -10.27 6.99 19.92
CA ALA A 26 -10.59 7.32 21.32
C ALA A 26 -12.07 7.50 21.52
N THR A 27 -12.83 7.93 20.52
CA THR A 27 -14.26 8.17 20.69
C THR A 27 -15.12 6.93 20.57
N LEU A 28 -14.55 5.85 20.06
CA LEU A 28 -15.32 4.63 19.79
C LEU A 28 -15.84 3.99 21.09
N SER A 29 -17.06 3.50 21.04
CA SER A 29 -17.62 2.69 22.15
C SER A 29 -16.88 1.38 22.31
N LYS A 30 -17.06 0.69 23.45
CA LYS A 30 -16.45 -0.61 23.63
C LYS A 30 -16.76 -1.61 22.53
N TYR A 31 -17.98 -1.59 21.96
CA TYR A 31 -18.31 -2.51 20.88
C TYR A 31 -17.52 -2.16 19.63
N GLU A 32 -17.48 -0.88 19.25
CA GLU A 32 -16.81 -0.49 18.02
C GLU A 32 -15.27 -0.63 18.06
N ILE A 33 -14.66 -0.34 19.23
CA ILE A 33 -13.19 -0.44 19.40
C ILE A 33 -12.71 -1.90 19.30
N GLN A 34 -13.62 -2.89 19.47
CA GLN A 34 -13.35 -4.30 19.30
C GLN A 34 -13.32 -4.71 17.82
N LYS A 35 -13.69 -3.82 16.90
CA LYS A 35 -13.81 -4.21 15.48
C LYS A 35 -13.46 -3.02 14.53
N VAL A 36 -12.29 -2.43 14.75
CA VAL A 36 -11.89 -1.32 13.97
C VAL A 36 -11.51 -1.83 12.57
N GLU A 37 -12.18 -1.31 11.56
CA GLU A 37 -11.86 -1.64 10.17
C GLU A 37 -10.85 -0.72 9.48
N ASN A 38 -10.19 -1.26 8.47
CA ASN A 38 -9.20 -0.57 7.65
C ASN A 38 -8.19 0.22 8.50
N LEU A 39 -7.79 -0.36 9.64
CA LEU A 39 -6.68 0.24 10.42
C LEU A 39 -5.34 0.25 9.60
N VAL A 40 -4.71 1.42 9.60
CA VAL A 40 -3.43 1.66 8.91
C VAL A 40 -2.50 2.32 9.86
N VAL A 41 -1.32 1.71 10.04
CA VAL A 41 -0.30 2.36 10.83
C VAL A 41 0.92 2.45 9.91
N GLY A 42 1.44 3.66 9.65
CA GLY A 42 2.63 3.73 8.80
C GLY A 42 3.70 4.73 9.27
N ASN A 43 4.85 4.63 8.60
CA ASN A 43 5.94 5.53 8.78
C ASN A 43 6.31 5.93 7.35
N LYS A 44 6.18 7.21 7.01
CA LYS A 44 6.29 7.69 5.64
C LYS A 44 7.61 7.36 5.01
N GLN A 45 8.66 7.34 5.83
CA GLN A 45 10.01 7.03 5.37
C GLN A 45 10.27 5.54 5.14
N TYR A 46 9.65 4.63 5.92
CA TYR A 46 10.09 3.22 5.99
C TYR A 46 9.09 2.12 5.68
N GLY A 47 7.79 2.33 5.91
CA GLY A 47 6.83 1.26 5.58
C GLY A 47 5.49 1.51 6.23
N LYS A 48 4.57 0.57 6.02
CA LYS A 48 3.27 0.64 6.65
C LYS A 48 2.66 -0.75 6.82
N ILE A 49 1.72 -0.81 7.74
CA ILE A 49 0.87 -2.00 7.87
C ILE A 49 -0.62 -1.63 7.76
N GLU A 50 -1.32 -2.44 6.97
CA GLU A 50 -2.77 -2.21 6.59
C GLU A 50 -3.47 -3.53 7.02
N PHE A 51 -4.17 -3.49 8.14
CA PHE A 51 -4.86 -4.63 8.66
C PHE A 51 -6.09 -4.92 7.78
N LEU A 52 -6.22 -6.15 7.37
CA LEU A 52 -7.21 -6.52 6.38
C LEU A 52 -8.44 -7.14 7.03
N ASP A 53 -8.34 -7.58 8.28
CA ASP A 53 -9.54 -7.86 9.06
C ASP A 53 -9.78 -6.80 10.10
N PRO A 54 -11.02 -6.75 10.67
CA PRO A 54 -11.22 -5.96 11.90
C PRO A 54 -10.20 -6.23 13.02
N VAL A 55 -9.75 -5.16 13.69
CA VAL A 55 -8.84 -5.25 14.81
C VAL A 55 -9.55 -4.87 16.13
N ASP A 56 -9.29 -5.64 17.20
CA ASP A 56 -9.79 -5.32 18.54
C ASP A 56 -8.77 -4.50 19.27
N LEU A 57 -8.96 -3.20 19.35
CA LEU A 57 -8.03 -2.36 20.11
C LEU A 57 -8.39 -2.13 21.62
N SER A 58 -9.27 -2.96 22.21
CA SER A 58 -9.75 -2.71 23.56
C SER A 58 -8.55 -2.70 24.46
N ASP A 59 -8.47 -1.74 25.36
CA ASP A 59 -7.47 -1.71 26.44
C ASP A 59 -6.06 -1.31 26.00
N ILE A 60 -5.78 -1.35 24.70
CA ILE A 60 -4.52 -0.87 24.16
C ILE A 60 -4.42 0.64 24.28
N PRO A 61 -3.39 1.17 24.98
CA PRO A 61 -3.25 2.63 25.04
C PRO A 61 -2.93 3.17 23.67
N LEU A 62 -3.82 3.98 23.14
CA LEU A 62 -3.74 4.35 21.75
C LEU A 62 -2.36 4.95 21.36
N GLY A 63 -1.77 5.77 22.23
CA GLY A 63 -0.48 6.38 21.96
C GLY A 63 0.69 5.40 21.88
N SER A 64 0.49 4.15 22.30
CA SER A 64 1.52 3.13 22.15
C SER A 64 1.55 2.43 20.82
N ILE A 65 0.55 2.64 19.94
CA ILE A 65 0.50 1.89 18.73
C ILE A 65 1.62 2.31 17.76
N CYS A 66 1.64 3.58 17.36
CA CYS A 66 2.76 4.08 16.53
C CYS A 66 4.07 4.18 17.30
N ASP A 67 5.11 3.57 16.74
CA ASP A 67 6.51 3.63 17.25
C ASP A 67 6.79 2.98 18.62
N ASP A 68 5.97 2.01 18.97
CA ASP A 68 6.18 1.13 20.13
C ASP A 68 5.63 -0.26 19.75
N LEU A 69 4.32 -0.44 19.61
CA LEU A 69 3.80 -1.71 19.13
C LEU A 69 4.15 -1.96 17.65
N VAL A 70 4.15 -0.91 16.85
CA VAL A 70 4.41 -0.98 15.42
C VAL A 70 5.55 -0.01 15.14
N VAL A 71 6.64 -0.56 14.65
CA VAL A 71 7.90 0.18 14.37
C VAL A 71 8.40 -0.19 12.96
N PHE A 72 8.68 0.81 12.15
CA PHE A 72 9.31 0.64 10.82
C PHE A 72 10.63 1.40 10.88
N GLN A 73 11.73 0.71 10.57
CA GLN A 73 13.08 1.24 10.48
C GLN A 73 13.60 0.94 9.08
N PRO A 74 14.82 1.37 8.75
CA PRO A 74 15.40 0.93 7.47
C PRO A 74 15.40 -0.57 7.26
N MSE A 75 14.68 -1.05 6.21
CA MSE A 75 14.58 -2.48 5.87
C MSE A 75 14.23 -3.37 7.06
O MSE A 75 14.77 -4.49 7.22
CB MSE A 75 15.84 -2.96 5.17
CG MSE A 75 16.20 -2.07 4.09
SE MSE A 75 17.56 -2.87 2.89
CE MSE A 75 18.14 -1.22 2.28
N SER A 76 13.31 -2.87 7.89
CA SER A 76 13.01 -3.53 9.14
C SER A 76 11.56 -3.21 9.61
N VAL A 77 10.77 -4.27 9.83
CA VAL A 77 9.47 -4.22 10.53
C VAL A 77 9.51 -4.96 11.88
N LEU A 78 9.26 -4.22 12.96
CA LEU A 78 9.28 -4.74 14.32
C LEU A 78 7.90 -4.58 14.93
N LEU A 79 7.23 -5.68 15.18
CA LEU A 79 5.88 -5.65 15.74
C LEU A 79 5.93 -6.18 17.19
N TYR A 80 5.32 -5.45 18.14
CA TYR A 80 5.35 -5.81 19.55
C TYR A 80 6.76 -6.13 20.05
N ASN A 81 7.75 -5.38 19.59
CA ASN A 81 9.15 -5.69 19.90
C ASN A 81 9.50 -5.44 21.36
N ASN A 82 8.75 -4.57 22.03
CA ASN A 82 9.00 -4.23 23.42
C ASN A 82 8.05 -4.92 24.35
N SER A 83 7.39 -5.96 23.87
CA SER A 83 6.34 -6.59 24.61
C SER A 83 6.80 -8.01 24.79
N THR A 84 6.65 -8.51 26.00
CA THR A 84 7.05 -9.86 26.31
C THR A 84 6.11 -10.86 25.67
N ASN A 85 4.82 -10.55 25.62
CA ASN A 85 3.80 -11.46 25.06
C ASN A 85 2.93 -10.77 24.01
N VAL A 86 2.30 -11.53 23.13
CA VAL A 86 1.37 -10.93 22.12
C VAL A 86 0.06 -11.67 22.24
N PRO A 87 -1.05 -11.09 21.75
CA PRO A 87 -2.31 -11.80 21.87
C PRO A 87 -2.41 -13.06 21.03
N GLU A 88 -3.41 -13.86 21.34
CA GLU A 88 -3.74 -15.05 20.60
C GLU A 88 -4.10 -14.72 19.13
N LYS A 89 -3.78 -15.66 18.23
CA LYS A 89 -4.18 -15.56 16.82
C LYS A 89 -5.61 -15.19 16.70
N GLY A 90 -5.87 -14.14 15.92
CA GLY A 90 -7.21 -13.65 15.67
C GLY A 90 -7.66 -12.62 16.67
N LYS A 91 -6.90 -12.42 17.75
CA LYS A 91 -7.23 -11.42 18.77
C LYS A 91 -6.28 -10.23 18.70
N GLY A 92 -6.76 -9.09 19.17
CA GLY A 92 -5.90 -7.88 19.18
C GLY A 92 -5.45 -7.45 17.76
N LEU A 93 -4.19 -7.09 17.62
CA LEU A 93 -3.58 -6.82 16.27
C LEU A 93 -3.13 -8.09 15.52
N ASN A 94 -3.37 -9.25 16.12
CA ASN A 94 -2.87 -10.50 15.57
C ASN A 94 -3.82 -11.11 14.55
N VAL A 95 -4.02 -10.39 13.43
CA VAL A 95 -4.95 -10.71 12.38
C VAL A 95 -4.30 -10.43 11.00
N ARG A 96 -5.05 -10.62 9.94
CA ARG A 96 -4.53 -10.60 8.59
C ARG A 96 -4.15 -9.15 8.22
N ALA A 97 -3.05 -8.98 7.50
CA ALA A 97 -2.50 -7.63 7.25
C ALA A 97 -1.65 -7.65 5.98
N ARG A 98 -1.49 -6.50 5.36
CA ARG A 98 -0.62 -6.34 4.22
C ARG A 98 0.39 -5.34 4.73
N ILE A 99 1.64 -5.73 4.53
CA ILE A 99 2.80 -4.91 4.95
C ILE A 99 3.61 -4.42 3.73
N SER A 100 3.92 -3.13 3.70
CA SER A 100 4.77 -2.57 2.65
C SER A 100 6.06 -1.99 3.32
N CYS A 101 7.22 -2.35 2.80
CA CYS A 101 8.55 -1.84 3.26
C CYS A 101 9.23 -1.08 2.09
N TYR A 102 9.74 0.12 2.39
CA TYR A 102 10.21 1.04 1.34
C TYR A 102 11.73 0.99 1.31
N ASN A 103 12.31 1.26 0.14
CA ASN A 103 13.78 1.31 -0.05
C ASN A 103 14.50 0.08 0.44
N CYS A 104 13.93 -1.08 0.10
CA CYS A 104 14.58 -2.34 0.29
C CYS A 104 15.37 -2.64 -0.95
N TYR A 105 16.70 -2.74 -0.78
CA TYR A 105 17.62 -3.01 -1.93
C TYR A 105 18.71 -3.90 -1.40
N PRO A 106 19.19 -4.88 -2.20
CA PRO A 106 20.34 -5.64 -1.78
C PRO A 106 21.49 -4.68 -1.59
N LEU A 107 22.44 -5.10 -0.79
CA LEU A 107 23.61 -4.27 -0.50
C LEU A 107 24.86 -4.91 -1.12
N ASP A 108 25.74 -4.04 -1.63
CA ASP A 108 27.14 -4.39 -1.96
C ASP A 108 27.81 -5.00 -0.73
N LYS A 109 28.28 -6.23 -0.85
CA LYS A 109 28.82 -6.97 0.29
C LYS A 109 30.11 -6.39 0.88
N SER A 110 30.75 -5.46 0.16
CA SER A 110 31.95 -4.76 0.61
C SER A 110 31.64 -3.46 1.34
N THR A 111 30.87 -2.60 0.69
CA THR A 111 30.62 -1.29 1.25
C THR A 111 29.34 -1.22 2.08
N ARG A 112 28.50 -2.25 1.92
CA ARG A 112 27.12 -2.26 2.42
C ARG A 112 26.27 -1.08 1.93
N LYS A 113 26.67 -0.47 0.80
CA LYS A 113 25.84 0.54 0.12
C LYS A 113 24.77 -0.20 -0.66
N PRO A 114 23.59 0.41 -0.82
CA PRO A 114 22.52 -0.23 -1.59
C PRO A 114 22.82 -0.35 -3.10
N ILE A 115 22.66 -1.57 -3.63
CA ILE A 115 22.63 -1.80 -5.07
C ILE A 115 21.27 -1.33 -5.61
N LYS A 116 21.27 -0.22 -6.32
CA LYS A 116 20.02 0.37 -6.80
C LYS A 116 19.82 0.12 -8.29
N ASP A 117 20.76 -0.51 -8.96
CA ASP A 117 20.58 -0.85 -10.36
C ASP A 117 19.45 -1.84 -10.56
N PRO A 118 18.31 -1.37 -11.12
CA PRO A 118 17.18 -2.31 -11.20
C PRO A 118 17.36 -3.49 -12.14
N ASN A 119 18.36 -3.43 -13.04
CA ASN A 119 18.64 -4.55 -13.94
C ASN A 119 19.77 -5.50 -13.45
N HIS A 120 20.45 -5.17 -12.35
CA HIS A 120 21.45 -6.08 -11.77
C HIS A 120 20.87 -7.47 -11.51
N ARG A 121 21.63 -8.48 -11.89
CA ARG A 121 21.17 -9.86 -11.65
C ARG A 121 20.89 -10.18 -10.17
N ILE A 122 21.43 -9.37 -9.24
CA ILE A 122 21.12 -9.56 -7.81
C ILE A 122 19.64 -9.31 -7.50
N MSE A 123 18.99 -8.50 -8.31
CA MSE A 123 17.59 -8.16 -8.04
C MSE A 123 16.65 -9.36 -7.98
O MSE A 123 15.83 -9.47 -7.03
CB MSE A 123 17.08 -7.12 -9.07
CG MSE A 123 17.66 -5.76 -8.87
SE MSE A 123 17.63 -5.13 -6.98
CE MSE A 123 17.70 -3.25 -7.42
N GLU A 124 16.78 -10.25 -8.98
CA GLU A 124 15.94 -11.45 -9.03
C GLU A 124 16.30 -12.41 -7.90
N ARG A 125 17.58 -12.47 -7.54
CA ARG A 125 17.96 -13.32 -6.43
C ARG A 125 17.36 -12.79 -5.13
N TYR A 126 17.35 -11.47 -4.95
CA TYR A 126 16.77 -10.84 -3.77
C TYR A 126 15.22 -11.10 -3.69
N SER A 127 14.51 -11.01 -4.81
CA SER A 127 13.05 -11.33 -4.81
C SER A 127 12.84 -12.79 -4.37
N GLU A 128 13.65 -13.69 -4.96
CA GLU A 128 13.48 -15.12 -4.68
C GLU A 128 13.73 -15.36 -3.22
N LYS A 129 14.72 -14.68 -2.62
CA LYS A 129 14.88 -14.87 -1.20
C LYS A 129 13.73 -14.22 -0.41
N LEU A 130 13.24 -13.06 -0.84
CA LEU A 130 12.08 -12.45 -0.16
C LEU A 130 10.85 -13.42 -0.12
N LYS A 131 10.68 -14.20 -1.19
CA LYS A 131 9.54 -15.17 -1.31
C LYS A 131 9.60 -16.25 -0.28
N LYS A 132 10.83 -16.53 0.20
CA LYS A 132 11.07 -17.58 1.19
C LYS A 132 10.90 -17.21 2.65
N ILE A 133 10.70 -15.92 2.96
CA ILE A 133 10.58 -15.51 4.36
C ILE A 133 9.45 -16.22 5.07
N PRO A 134 9.79 -16.94 6.16
CA PRO A 134 8.75 -17.61 6.83
C PRO A 134 7.62 -16.69 7.38
N HIS A 135 6.42 -17.20 7.19
CA HIS A 135 5.16 -16.62 7.72
C HIS A 135 4.78 -15.36 7.01
N THR A 136 5.18 -15.28 5.74
CA THR A 136 4.85 -14.18 4.92
C THR A 136 4.27 -14.81 3.67
N HIS A 137 3.38 -14.09 3.02
CA HIS A 137 2.92 -14.32 1.66
C HIS A 137 3.31 -13.19 0.72
N PHE A 138 4.44 -13.38 0.05
CA PHE A 138 5.01 -12.40 -0.94
C PHE A 138 3.96 -11.95 -1.90
N GLU A 139 3.81 -10.65 -2.09
CA GLU A 139 2.94 -10.14 -3.15
C GLU A 139 3.80 -9.51 -4.26
N SER A 140 4.64 -8.55 -3.93
CA SER A 140 5.42 -7.89 -4.97
C SER A 140 6.73 -7.27 -4.49
N TYR A 141 7.67 -7.10 -5.41
CA TYR A 141 8.93 -6.36 -5.11
C TYR A 141 9.34 -5.60 -6.36
N ASP A 142 9.51 -4.28 -6.22
CA ASP A 142 9.87 -3.41 -7.31
C ASP A 142 11.33 -2.94 -7.14
N PRO A 143 12.23 -3.52 -7.96
CA PRO A 143 13.67 -3.19 -7.92
C PRO A 143 13.99 -1.71 -8.15
N ALA A 144 13.10 -1.01 -8.84
CA ALA A 144 13.29 0.40 -9.10
C ALA A 144 13.02 1.30 -7.91
N SER A 145 11.93 1.04 -7.17
CA SER A 145 11.58 1.88 -5.99
C SER A 145 12.10 1.26 -4.71
N GLY A 146 12.37 -0.05 -4.73
CA GLY A 146 12.68 -0.79 -3.49
C GLY A 146 11.46 -1.11 -2.61
N THR A 147 10.26 -1.00 -3.15
CA THR A 147 9.06 -1.37 -2.38
C THR A 147 8.81 -2.87 -2.40
N TYR A 148 8.66 -3.44 -1.23
CA TYR A 148 8.40 -4.86 -1.02
C TYR A 148 7.05 -4.92 -0.33
N CYS A 149 6.15 -5.67 -0.91
CA CYS A 149 4.82 -5.84 -0.35
CA CYS A 149 4.82 -5.82 -0.37
C CYS A 149 4.52 -7.31 -0.13
N PHE A 150 3.93 -7.60 1.02
CA PHE A 150 3.52 -8.96 1.36
C PHE A 150 2.34 -8.95 2.36
N THR A 151 1.70 -10.11 2.50
CA THR A 151 0.64 -10.29 3.52
C THR A 151 1.07 -11.32 4.54
N VAL A 152 0.43 -11.21 5.69
CA VAL A 152 0.58 -12.13 6.80
C VAL A 152 -0.83 -12.52 7.19
N ASP A 153 -1.04 -13.79 7.46
CA ASP A 153 -2.32 -14.32 7.98
C ASP A 153 -2.68 -13.81 9.40
N HIS A 154 -1.67 -13.76 10.25
CA HIS A 154 -1.81 -13.29 11.63
C HIS A 154 -0.56 -12.45 11.91
N ALA A 155 -0.72 -11.14 12.03
CA ALA A 155 0.41 -10.22 11.97
C ALA A 155 1.54 -10.44 12.99
N LEU A 156 1.23 -10.96 14.18
CA LEU A 156 2.20 -11.19 15.20
C LEU A 156 2.81 -12.60 15.30
N GLU A 157 2.51 -13.53 14.42
CA GLU A 157 2.97 -14.93 14.58
C GLU A 157 4.28 -15.19 13.87
N SER B 2 13.88 -5.96 -23.54
CA SER B 2 12.88 -5.49 -24.53
C SER B 2 13.53 -4.58 -25.55
N LEU B 3 13.45 -4.92 -26.84
CA LEU B 3 13.67 -3.98 -27.92
C LEU B 3 14.97 -3.23 -27.84
N ASP B 4 16.02 -3.97 -27.51
CA ASP B 4 17.40 -3.46 -27.51
C ASP B 4 18.01 -3.50 -28.95
N GLY B 5 17.50 -4.40 -29.78
CA GLY B 5 18.04 -4.58 -31.15
C GLY B 5 17.05 -5.29 -32.05
N ILE B 6 17.29 -5.23 -33.35
CA ILE B 6 16.34 -5.67 -34.35
C ILE B 6 16.34 -7.19 -34.50
N ASP B 7 17.29 -7.86 -33.85
CA ASP B 7 17.27 -9.31 -33.77
C ASP B 7 16.03 -9.88 -33.01
N ASP B 8 15.44 -9.09 -32.12
CA ASP B 8 14.33 -9.61 -31.31
C ASP B 8 13.38 -8.47 -31.02
N LEU B 9 12.22 -8.50 -31.67
CA LEU B 9 11.29 -7.39 -31.61
C LEU B 9 10.09 -7.74 -30.72
N GLU B 10 10.26 -8.77 -29.90
CA GLU B 10 9.19 -9.18 -28.97
C GLU B 10 9.08 -8.16 -27.84
N PHE B 11 7.84 -7.82 -27.52
CA PHE B 11 7.49 -6.86 -26.47
C PHE B 11 6.26 -7.34 -25.73
N VAL B 12 6.33 -7.28 -24.39
CA VAL B 12 5.20 -7.52 -23.49
C VAL B 12 5.09 -6.33 -22.55
N ASP B 13 3.89 -6.06 -21.99
CA ASP B 13 3.78 -4.91 -21.08
C ASP B 13 4.81 -4.98 -19.94
N GLU B 14 5.38 -3.83 -19.66
CA GLU B 14 6.48 -3.67 -18.74
C GLU B 14 6.02 -3.35 -17.30
N ASN B 15 4.82 -2.85 -17.15
CA ASN B 15 4.46 -2.20 -15.92
C ASN B 15 3.32 -2.85 -15.16
N TYR B 16 2.35 -3.44 -15.86
CA TYR B 16 1.18 -4.00 -15.19
C TYR B 16 1.47 -5.31 -14.49
N TYR B 17 0.76 -5.49 -13.38
CA TYR B 17 0.73 -6.78 -12.69
C TYR B 17 -0.63 -7.01 -12.01
N ILE B 18 -0.93 -8.28 -11.76
CA ILE B 18 -2.12 -8.68 -11.10
C ILE B 18 -1.80 -9.82 -10.13
N SER B 19 -2.46 -9.79 -8.96
CA SER B 19 -2.33 -10.85 -7.98
C SER B 19 -3.73 -11.11 -7.43
N PRO B 20 -4.19 -12.37 -7.45
CA PRO B 20 -3.60 -13.57 -8.09
C PRO B 20 -3.35 -13.50 -9.60
N SER B 21 -2.48 -14.40 -10.08
CA SER B 21 -2.20 -14.53 -11.53
C SER B 21 -3.39 -14.75 -12.40
N LEU B 22 -3.34 -14.22 -13.62
CA LEU B 22 -4.36 -14.54 -14.61
C LEU B 22 -4.42 -16.04 -14.89
N ASP B 23 -3.25 -16.71 -14.92
CA ASP B 23 -3.25 -18.14 -15.27
C ASP B 23 -3.94 -18.95 -14.18
N THR B 24 -3.79 -18.53 -12.94
CA THR B 24 -4.49 -19.18 -11.83
C THR B 24 -5.97 -18.77 -11.75
N LEU B 25 -6.26 -17.48 -11.90
CA LEU B 25 -7.63 -16.98 -11.89
C LEU B 25 -8.48 -17.68 -12.96
N ALA B 26 -7.89 -17.97 -14.13
CA ALA B 26 -8.64 -18.66 -15.18
C ALA B 26 -9.01 -20.13 -14.79
N THR B 27 -8.35 -20.68 -13.79
CA THR B 27 -8.50 -22.06 -13.30
CA THR B 27 -8.62 -22.07 -13.40
C THR B 27 -9.48 -22.19 -12.12
N LEU B 28 -9.81 -21.06 -11.48
CA LEU B 28 -10.58 -21.08 -10.21
C LEU B 28 -11.95 -21.64 -10.54
N SER B 29 -12.57 -22.30 -9.56
CA SER B 29 -13.87 -22.97 -9.83
C SER B 29 -14.97 -21.95 -9.99
N LYS B 30 -16.15 -22.38 -10.45
CA LYS B 30 -17.31 -21.51 -10.65
C LYS B 30 -17.78 -20.81 -9.38
N TYR B 31 -17.50 -21.41 -8.22
CA TYR B 31 -17.79 -20.82 -6.90
C TYR B 31 -16.70 -19.82 -6.49
N GLU B 32 -15.46 -20.23 -6.69
CA GLU B 32 -14.35 -19.40 -6.22
C GLU B 32 -14.12 -18.14 -7.04
N ILE B 33 -14.34 -18.21 -8.35
CA ILE B 33 -14.26 -17.01 -9.23
C ILE B 33 -15.24 -15.91 -8.78
N GLN B 34 -16.30 -16.24 -8.03
CA GLN B 34 -17.26 -15.26 -7.56
C GLN B 34 -16.82 -14.54 -6.28
N LYS B 35 -15.72 -14.99 -5.65
CA LYS B 35 -15.25 -14.41 -4.40
C LYS B 35 -13.72 -14.40 -4.27
N VAL B 36 -13.05 -13.87 -5.29
CA VAL B 36 -11.60 -13.78 -5.28
C VAL B 36 -11.16 -12.84 -4.18
N GLU B 37 -10.24 -13.34 -3.37
CA GLU B 37 -9.74 -12.66 -2.20
C GLU B 37 -8.44 -11.99 -2.52
N ASN B 38 -8.25 -10.83 -1.92
CA ASN B 38 -7.03 -10.02 -2.04
C ASN B 38 -6.60 -9.71 -3.45
N LEU B 39 -7.55 -9.46 -4.34
CA LEU B 39 -7.21 -9.05 -5.73
C LEU B 39 -6.42 -7.72 -5.73
N VAL B 40 -5.32 -7.70 -6.46
CA VAL B 40 -4.51 -6.51 -6.59
C VAL B 40 -4.26 -6.34 -8.02
N VAL B 41 -4.57 -5.14 -8.55
CA VAL B 41 -4.19 -4.80 -9.91
C VAL B 41 -3.32 -3.56 -9.82
N GLY B 42 -2.11 -3.65 -10.38
CA GLY B 42 -1.08 -2.66 -10.23
C GLY B 42 -0.37 -2.27 -11.52
N ASN B 43 0.19 -1.07 -11.50
CA ASN B 43 1.10 -0.57 -12.56
C ASN B 43 2.28 0.03 -11.79
N LYS B 44 3.42 -0.61 -11.92
CA LYS B 44 4.54 -0.22 -11.09
C LYS B 44 4.95 1.26 -11.21
N GLN B 45 4.62 1.90 -12.32
CA GLN B 45 5.06 3.26 -12.49
C GLN B 45 4.06 4.25 -11.89
N TYR B 46 2.76 3.93 -11.89
CA TYR B 46 1.76 4.95 -11.61
C TYR B 46 0.81 4.71 -10.42
N GLY B 47 0.51 3.46 -10.07
CA GLY B 47 -0.32 3.18 -8.90
C GLY B 47 -0.89 1.78 -8.90
N LYS B 48 -1.77 1.50 -7.93
CA LYS B 48 -2.40 0.18 -7.83
C LYS B 48 -3.72 0.25 -7.08
N ILE B 49 -4.54 -0.78 -7.25
CA ILE B 49 -5.79 -0.89 -6.59
C ILE B 49 -5.77 -2.26 -5.86
N GLU B 50 -6.16 -2.26 -4.60
CA GLU B 50 -6.17 -3.51 -3.77
C GLU B 50 -7.58 -3.64 -3.22
N PHE B 51 -8.32 -4.59 -3.74
CA PHE B 51 -9.69 -4.75 -3.36
C PHE B 51 -9.75 -5.31 -1.96
N LEU B 52 -10.61 -4.74 -1.16
CA LEU B 52 -10.67 -5.12 0.24
C LEU B 52 -11.83 -6.05 0.58
N ASP B 53 -12.76 -6.30 -0.37
CA ASP B 53 -13.86 -7.26 -0.24
C ASP B 53 -13.60 -8.34 -1.27
N PRO B 54 -14.04 -9.58 -1.02
CA PRO B 54 -13.99 -10.58 -2.09
C PRO B 54 -14.61 -10.04 -3.40
N VAL B 55 -14.02 -10.35 -4.55
CA VAL B 55 -14.49 -9.82 -5.86
C VAL B 55 -15.09 -10.92 -6.78
N ASP B 56 -16.26 -10.65 -7.33
CA ASP B 56 -16.87 -11.52 -8.36
C ASP B 56 -16.32 -11.23 -9.77
N LEU B 57 -15.46 -12.10 -10.25
CA LEU B 57 -14.91 -11.97 -11.58
C LEU B 57 -15.63 -12.88 -12.62
N SER B 58 -16.76 -13.46 -12.26
CA SER B 58 -17.41 -14.47 -13.12
C SER B 58 -17.86 -13.90 -14.48
N ASP B 59 -18.43 -12.71 -14.51
CA ASP B 59 -18.75 -12.08 -15.81
C ASP B 59 -17.64 -11.14 -16.36
N ILE B 60 -16.35 -11.42 -16.08
CA ILE B 60 -15.27 -10.56 -16.57
C ILE B 60 -14.19 -11.33 -17.32
N PRO B 61 -13.97 -11.00 -18.62
CA PRO B 61 -12.84 -11.61 -19.33
C PRO B 61 -11.54 -11.15 -18.72
N LEU B 62 -10.78 -12.12 -18.23
CA LEU B 62 -9.61 -11.83 -17.37
C LEU B 62 -8.56 -11.01 -18.05
N GLY B 63 -8.39 -11.25 -19.37
CA GLY B 63 -7.47 -10.47 -20.18
C GLY B 63 -7.81 -9.00 -20.26
N SER B 64 -9.04 -8.60 -19.92
CA SER B 64 -9.46 -7.19 -19.98
C SER B 64 -9.31 -6.39 -18.66
N ILE B 65 -8.69 -6.95 -17.61
CA ILE B 65 -8.69 -6.26 -16.34
C ILE B 65 -7.58 -5.22 -16.38
N CYS B 66 -6.39 -5.67 -16.74
CA CYS B 66 -5.21 -4.82 -16.75
C CYS B 66 -5.19 -3.95 -18.01
N ASP B 67 -4.95 -2.66 -17.82
CA ASP B 67 -4.79 -1.67 -18.90
C ASP B 67 -6.03 -1.59 -19.78
N ASP B 68 -7.17 -1.87 -19.18
CA ASP B 68 -8.44 -1.78 -19.86
C ASP B 68 -9.62 -1.38 -18.92
N LEU B 69 -10.15 -2.31 -18.14
CA LEU B 69 -11.03 -1.99 -17.03
C LEU B 69 -10.28 -1.20 -15.91
N VAL B 70 -8.99 -1.43 -15.75
CA VAL B 70 -8.19 -0.78 -14.76
C VAL B 70 -6.96 -0.21 -15.41
N VAL B 71 -6.86 1.11 -15.43
CA VAL B 71 -5.77 1.83 -16.10
C VAL B 71 -5.22 2.87 -15.11
N PHE B 72 -3.91 2.90 -14.97
CA PHE B 72 -3.22 3.86 -14.16
C PHE B 72 -2.37 4.69 -15.11
N GLN B 73 -2.45 6.01 -15.03
CA GLN B 73 -1.65 6.94 -15.89
C GLN B 73 -0.97 7.88 -14.92
N PRO B 74 -0.03 8.72 -15.40
CA PRO B 74 0.49 9.71 -14.43
C PRO B 74 -0.66 10.51 -13.81
N MSE B 75 -0.76 10.52 -12.47
CA MSE B 75 -1.77 11.28 -11.73
C MSE B 75 -3.19 11.00 -12.16
O MSE B 75 -4.06 11.90 -12.23
CB MSE B 75 -1.47 12.78 -11.75
CG MSE B 75 -0.06 13.07 -11.29
SE MSE B 75 0.33 14.91 -10.71
CE MSE B 75 2.25 14.85 -10.95
N SER B 76 -3.47 9.74 -12.44
CA SER B 76 -4.79 9.44 -12.98
C SER B 76 -5.10 7.96 -12.73
N VAL B 77 -6.25 7.70 -12.08
CA VAL B 77 -6.78 6.38 -11.92
C VAL B 77 -8.06 6.28 -12.76
N LEU B 78 -8.08 5.38 -13.74
CA LEU B 78 -9.24 5.20 -14.56
C LEU B 78 -9.82 3.79 -14.49
N LEU B 79 -11.06 3.72 -14.03
CA LEU B 79 -11.74 2.49 -13.68
C LEU B 79 -13.00 2.39 -14.52
N TYR B 80 -13.08 1.37 -15.35
CA TYR B 80 -14.18 1.21 -16.29
C TYR B 80 -14.40 2.44 -17.23
N ASN B 81 -13.36 2.84 -17.95
CA ASN B 81 -13.46 3.99 -18.86
C ASN B 81 -13.83 3.48 -20.27
N VAL B 86 -21.35 -0.29 -15.88
CA VAL B 86 -20.83 -0.47 -14.51
C VAL B 86 -21.82 -1.19 -13.57
N PRO B 87 -21.42 -2.35 -12.99
CA PRO B 87 -22.30 -3.13 -12.10
C PRO B 87 -22.78 -2.37 -10.86
N GLU B 88 -23.77 -2.94 -10.15
CA GLU B 88 -24.41 -2.26 -9.01
C GLU B 88 -23.49 -2.22 -7.79
N LYS B 89 -23.76 -1.29 -6.88
CA LYS B 89 -22.95 -1.15 -5.69
C LYS B 89 -22.86 -2.53 -5.00
N GLY B 90 -21.64 -3.06 -4.89
CA GLY B 90 -21.42 -4.33 -4.20
C GLY B 90 -21.40 -5.55 -5.11
N LYS B 91 -21.52 -5.35 -6.42
CA LYS B 91 -21.35 -6.46 -7.36
C LYS B 91 -20.05 -6.27 -8.13
N GLY B 92 -19.52 -7.39 -8.63
CA GLY B 92 -18.32 -7.39 -9.44
C GLY B 92 -17.16 -6.70 -8.72
N LEU B 93 -16.41 -5.89 -9.45
CA LEU B 93 -15.32 -5.06 -8.89
C LEU B 93 -15.80 -3.81 -8.15
N ASN B 94 -17.11 -3.63 -8.06
CA ASN B 94 -17.70 -2.45 -7.42
C ASN B 94 -17.83 -2.61 -5.91
N VAL B 95 -16.68 -2.69 -5.24
CA VAL B 95 -16.62 -3.10 -3.88
C VAL B 95 -15.54 -2.28 -3.17
N ARG B 96 -15.39 -2.47 -1.88
CA ARG B 96 -14.41 -1.67 -1.14
C ARG B 96 -12.97 -1.90 -1.63
N ALA B 97 -12.17 -0.82 -1.64
CA ALA B 97 -10.84 -0.90 -2.20
C ALA B 97 -9.95 0.17 -1.67
N ARG B 98 -8.63 -0.10 -1.62
CA ARG B 98 -7.62 0.90 -1.34
C ARG B 98 -6.85 1.21 -2.63
N ILE B 99 -6.69 2.48 -2.94
CA ILE B 99 -6.02 2.88 -4.19
C ILE B 99 -4.80 3.71 -3.79
N SER B 100 -3.69 3.45 -4.47
CA SER B 100 -2.46 4.17 -4.33
C SER B 100 -2.04 4.73 -5.70
N CYS B 101 -1.72 6.02 -5.71
CA CYS B 101 -1.19 6.72 -6.89
C CYS B 101 0.17 7.32 -6.60
N TYR B 102 1.09 7.12 -7.53
CA TYR B 102 2.53 7.47 -7.28
C TYR B 102 2.91 8.75 -7.98
N ASN B 103 3.90 9.45 -7.45
CA ASN B 103 4.44 10.65 -8.11
C ASN B 103 3.37 11.69 -8.40
N CYS B 104 2.50 11.89 -7.39
CA CYS B 104 1.52 12.94 -7.41
C CYS B 104 2.11 14.16 -6.76
N TYR B 105 2.25 15.20 -7.56
CA TYR B 105 2.81 16.42 -7.09
C TYR B 105 2.09 17.59 -7.69
N PRO B 106 1.94 18.67 -6.93
CA PRO B 106 1.27 19.84 -7.47
C PRO B 106 2.12 20.41 -8.63
N LEU B 107 1.49 21.18 -9.52
CA LEU B 107 2.23 21.70 -10.68
C LEU B 107 2.39 23.23 -10.61
N ASP B 108 3.50 23.72 -11.16
CA ASP B 108 3.76 25.17 -11.33
C ASP B 108 2.75 25.65 -12.35
N LYS B 109 1.97 26.65 -11.98
CA LYS B 109 0.89 27.13 -12.85
C LYS B 109 1.30 27.54 -14.30
N SER B 110 2.45 28.21 -14.44
CA SER B 110 2.86 28.78 -15.75
C SER B 110 3.87 27.92 -16.55
N THR B 111 4.39 26.87 -15.93
CA THR B 111 5.29 25.88 -16.58
C THR B 111 4.60 24.52 -16.67
N ARG B 112 3.74 24.27 -15.70
CA ARG B 112 3.05 23.01 -15.52
C ARG B 112 4.01 21.85 -15.21
N LYS B 113 5.26 22.18 -14.89
CA LYS B 113 6.21 21.21 -14.39
C LYS B 113 5.91 20.92 -12.91
N PRO B 114 6.30 19.73 -12.42
CA PRO B 114 5.94 19.38 -11.04
C PRO B 114 6.75 20.14 -9.98
N ILE B 115 6.10 20.49 -8.87
CA ILE B 115 6.81 21.05 -7.70
C ILE B 115 7.17 19.93 -6.70
N LYS B 116 8.45 19.69 -6.44
CA LYS B 116 8.85 18.56 -5.60
C LYS B 116 9.54 18.97 -4.30
N ASP B 117 9.44 20.25 -3.92
CA ASP B 117 10.07 20.74 -2.69
C ASP B 117 9.10 20.41 -1.58
N PRO B 118 9.50 19.52 -0.64
CA PRO B 118 8.55 19.09 0.39
C PRO B 118 8.10 20.18 1.37
N ASN B 119 8.86 21.28 1.49
CA ASN B 119 8.56 22.32 2.48
C ASN B 119 7.77 23.48 1.92
N HIS B 120 7.58 23.49 0.60
CA HIS B 120 6.84 24.53 -0.08
C HIS B 120 5.44 24.48 0.45
N ARG B 121 4.89 25.67 0.71
CA ARG B 121 3.54 25.83 1.21
C ARG B 121 2.44 25.17 0.37
N ILE B 122 2.67 25.00 -0.94
CA ILE B 122 1.66 24.46 -1.85
C ILE B 122 1.30 23.00 -1.49
N MSE B 123 2.29 22.27 -1.04
CA MSE B 123 2.10 20.87 -0.56
C MSE B 123 0.93 20.68 0.41
O MSE B 123 0.18 19.70 0.32
CB MSE B 123 3.38 20.38 0.12
CG MSE B 123 4.50 20.15 -0.79
SE MSE B 123 3.97 18.97 -2.25
CE MSE B 123 5.75 18.36 -2.76
N GLU B 124 0.79 21.61 1.36
CA GLU B 124 -0.24 21.47 2.37
C GLU B 124 -1.59 21.78 1.78
N ARG B 125 -1.63 22.75 0.86
CA ARG B 125 -2.89 23.02 0.17
C ARG B 125 -3.25 21.85 -0.79
N TYR B 126 -2.25 21.15 -1.33
CA TYR B 126 -2.52 19.95 -2.16
C TYR B 126 -3.12 18.84 -1.26
N SER B 127 -2.35 18.51 -0.23
CA SER B 127 -2.80 17.55 0.78
C SER B 127 -4.22 17.86 1.25
N GLU B 128 -4.49 19.08 1.70
CA GLU B 128 -5.87 19.44 2.15
C GLU B 128 -6.95 19.39 1.04
N LYS B 129 -6.55 19.61 -0.20
CA LYS B 129 -7.49 19.46 -1.32
C LYS B 129 -7.69 17.98 -1.71
N LEU B 130 -6.65 17.15 -1.60
CA LEU B 130 -6.81 15.70 -1.84
C LEU B 130 -7.76 15.12 -0.79
N LYS B 131 -7.58 15.54 0.44
CA LYS B 131 -8.55 15.16 1.48
C LYS B 131 -10.01 15.35 1.09
N LYS B 132 -10.31 16.33 0.26
CA LYS B 132 -11.71 16.59 -0.12
C LYS B 132 -12.17 15.92 -1.40
N ILE B 133 -11.40 15.05 -2.06
CA ILE B 133 -11.95 14.45 -3.28
C ILE B 133 -13.26 13.62 -3.03
N PRO B 134 -14.38 13.93 -3.75
CA PRO B 134 -15.65 13.23 -3.50
C PRO B 134 -15.59 11.71 -3.60
N HIS B 135 -16.16 11.05 -2.59
CA HIS B 135 -16.28 9.57 -2.53
C HIS B 135 -14.96 8.84 -2.31
N THR B 136 -14.06 9.52 -1.62
CA THR B 136 -12.77 8.96 -1.27
C THR B 136 -12.64 9.12 0.23
N HIS B 137 -11.84 8.27 0.82
CA HIS B 137 -11.52 8.37 2.22
C HIS B 137 -9.98 8.47 2.30
N PHE B 138 -9.50 9.71 2.45
CA PHE B 138 -8.11 10.01 2.48
C PHE B 138 -7.41 9.21 3.54
N GLU B 139 -6.32 8.55 3.16
CA GLU B 139 -5.48 7.91 4.17
C GLU B 139 -4.14 8.62 4.35
N SER B 140 -3.42 8.90 3.28
CA SER B 140 -2.13 9.54 3.38
C SER B 140 -1.71 10.26 2.09
N TYR B 141 -0.91 11.31 2.24
CA TYR B 141 -0.16 11.89 1.13
C TYR B 141 1.28 12.17 1.65
N ASP B 142 2.27 11.74 0.88
CA ASP B 142 3.67 11.96 1.26
C ASP B 142 4.30 12.94 0.26
N PRO B 143 4.50 14.20 0.69
CA PRO B 143 5.21 15.19 -0.12
C PRO B 143 6.59 14.67 -0.55
N ALA B 144 7.34 14.02 0.34
CA ALA B 144 8.66 13.47 -0.06
C ALA B 144 8.68 12.52 -1.29
N SER B 145 7.55 11.84 -1.62
CA SER B 145 7.51 10.80 -2.66
C SER B 145 6.41 10.93 -3.73
N GLY B 146 5.44 11.78 -3.43
CA GLY B 146 4.22 11.90 -4.14
C GLY B 146 3.25 10.75 -4.06
N THR B 147 3.37 9.88 -3.08
CA THR B 147 2.39 8.81 -2.96
C THR B 147 1.14 9.23 -2.24
N TYR B 148 -0.01 9.12 -2.90
CA TYR B 148 -1.31 9.42 -2.33
C TYR B 148 -2.03 8.11 -2.15
N CYS B 149 -2.63 7.88 -0.99
CA CYS B 149 -3.33 6.62 -0.70
CA CYS B 149 -3.34 6.64 -0.78
C CYS B 149 -4.68 6.94 -0.07
N PHE B 150 -5.72 6.25 -0.50
CA PHE B 150 -7.07 6.49 0.02
C PHE B 150 -7.87 5.22 -0.11
N THR B 151 -9.00 5.14 0.54
CA THR B 151 -9.97 4.08 0.17
C THR B 151 -11.24 4.63 -0.45
N VAL B 152 -12.03 3.73 -1.05
CA VAL B 152 -13.30 3.97 -1.75
C VAL B 152 -14.24 2.92 -1.21
N ASP B 153 -15.54 3.22 -1.16
CA ASP B 153 -16.53 2.25 -0.65
C ASP B 153 -16.93 1.22 -1.69
N HIS B 154 -17.07 1.70 -2.90
CA HIS B 154 -17.50 0.94 -4.04
C HIS B 154 -16.67 1.50 -5.13
N ALA B 155 -15.69 0.73 -5.55
CA ALA B 155 -14.62 1.29 -6.36
C ALA B 155 -15.05 1.95 -7.69
N LEU B 156 -16.24 1.61 -8.21
CA LEU B 156 -16.70 2.11 -9.50
C LEU B 156 -17.81 3.15 -9.42
N GLU B 157 -17.89 3.89 -8.32
CA GLU B 157 -18.89 4.98 -8.15
C GLU B 157 -18.32 6.39 -8.30
C1 GOL C . -14.62 2.81 12.61
O1 GOL C . -13.44 3.64 12.72
C2 GOL C . -14.45 1.33 13.04
O2 GOL C . -14.29 0.50 11.94
C3 GOL C . -15.72 0.76 13.73
O3 GOL C . -15.48 0.00 14.90
C1 GOL D . 3.90 1.67 -3.04
O1 GOL D . 3.89 0.62 -3.99
C2 GOL D . 5.06 2.69 -3.22
O2 GOL D . 6.19 2.12 -3.81
C3 GOL D . 5.50 3.33 -1.90
O3 GOL D . 5.17 4.70 -1.80
#